data_1OHP
#
_entry.id   1OHP
#
_cell.length_a   39.353
_cell.length_b   95.352
_cell.length_c   60.402
_cell.angle_alpha   90.00
_cell.angle_beta   91.47
_cell.angle_gamma   90.00
#
_symmetry.space_group_name_H-M   'P 1 21 1'
#
loop_
_entity.id
_entity.type
_entity.pdbx_description
1 polymer 'STEROID DELTA-ISOMERASE'
2 non-polymer 5-ALPHA-ESTRAN-3,17-DIONE
3 water water
#
_entity_poly.entity_id   1
_entity_poly.type   'polypeptide(L)'
_entity_poly.pdbx_seq_one_letter_code
;MNTPEHMTAVVQRYVAALNAGDLDGIVALFADDATVENPVGSEPRSGTAAIREFYANSLKLPLAVELTQEVRAVANEAAF
AFIVSFEYQGRKTVVAPIDHFRFNGAGKVVSMRALFGEKNIHAGA
;
_entity_poly.pdbx_strand_id   A,B,C,D
#
loop_
_chem_comp.id
_chem_comp.type
_chem_comp.name
_chem_comp.formula
ESR non-polymer 5-ALPHA-ESTRAN-3,17-DIONE 'C18 H26 O2'
#
# COMPACT_ATOMS: atom_id res chain seq x y z
N MET A 1 -8.57 16.68 -17.25
CA MET A 1 -9.00 16.12 -15.94
C MET A 1 -9.87 14.88 -16.15
N ASN A 2 -9.52 13.79 -15.48
CA ASN A 2 -10.25 12.52 -15.57
C ASN A 2 -11.51 12.57 -14.71
N THR A 3 -12.67 12.28 -15.33
CA THR A 3 -13.96 12.30 -14.63
C THR A 3 -14.71 10.96 -14.73
N PRO A 4 -15.76 10.79 -13.92
CA PRO A 4 -16.56 9.56 -13.94
C PRO A 4 -17.21 9.34 -15.30
N GLU A 5 -17.74 10.41 -15.88
CA GLU A 5 -18.39 10.33 -17.20
C GLU A 5 -17.38 9.88 -18.26
N HIS A 6 -16.18 10.41 -18.19
CA HIS A 6 -15.15 10.04 -19.14
C HIS A 6 -14.79 8.56 -19.02
N MET A 7 -14.59 8.09 -17.79
CA MET A 7 -14.23 6.70 -17.58
C MET A 7 -15.30 5.76 -18.06
N THR A 8 -16.56 6.12 -17.82
CA THR A 8 -17.67 5.30 -18.24
C THR A 8 -17.71 5.25 -19.77
N ALA A 9 -17.46 6.39 -20.41
CA ALA A 9 -17.46 6.46 -21.86
C ALA A 9 -16.35 5.58 -22.41
N VAL A 10 -15.21 5.56 -21.72
CA VAL A 10 -14.09 4.73 -22.15
C VAL A 10 -14.42 3.24 -22.02
N VAL A 11 -15.11 2.85 -20.96
CA VAL A 11 -15.49 1.45 -20.79
C VAL A 11 -16.39 1.04 -21.96
N GLN A 12 -17.31 1.93 -22.34
CA GLN A 12 -18.21 1.65 -23.44
C GLN A 12 -17.44 1.51 -24.75
N ARG A 13 -16.47 2.39 -24.97
CA ARG A 13 -15.67 2.32 -26.19
C ARG A 13 -14.83 1.05 -26.19
N TYR A 14 -14.33 0.68 -25.03
CA TYR A 14 -13.52 -0.52 -24.89
C TYR A 14 -14.33 -1.75 -25.31
N VAL A 15 -15.53 -1.89 -24.76
CA VAL A 15 -16.37 -3.03 -25.09
C VAL A 15 -16.75 -3.03 -26.57
N ALA A 16 -17.05 -1.86 -27.13
CA ALA A 16 -17.41 -1.77 -28.54
C ALA A 16 -16.22 -2.16 -29.43
N ALA A 17 -15.01 -1.77 -29.01
CA ALA A 17 -13.81 -2.07 -29.78
C ALA A 17 -13.53 -3.57 -29.75
N LEU A 18 -13.77 -4.21 -28.61
CA LEU A 18 -13.55 -5.65 -28.53
C LEU A 18 -14.50 -6.35 -29.50
N ASN A 19 -15.73 -5.86 -29.56
CA ASN A 19 -16.72 -6.44 -30.47
C ASN A 19 -16.38 -6.22 -31.93
N ALA A 20 -15.68 -5.12 -32.23
CA ALA A 20 -15.31 -4.82 -33.60
C ALA A 20 -13.95 -5.37 -33.99
N GLY A 21 -13.22 -5.90 -33.01
CA GLY A 21 -11.91 -6.43 -33.29
C GLY A 21 -10.98 -5.29 -33.66
N ASP A 22 -11.30 -4.10 -33.16
CA ASP A 22 -10.53 -2.89 -33.43
C ASP A 22 -9.34 -2.76 -32.49
N LEU A 23 -8.25 -3.43 -32.86
CA LEU A 23 -7.03 -3.44 -32.07
C LEU A 23 -6.52 -2.03 -31.79
N ASP A 24 -6.44 -1.22 -32.84
CA ASP A 24 -5.96 0.16 -32.71
C ASP A 24 -6.83 0.95 -31.73
N GLY A 25 -8.15 0.76 -31.84
CA GLY A 25 -9.07 1.46 -30.97
C GLY A 25 -8.88 1.09 -29.51
N ILE A 26 -8.67 -0.20 -29.27
CA ILE A 26 -8.46 -0.65 -27.90
C ILE A 26 -7.16 -0.06 -27.36
N VAL A 27 -6.07 -0.27 -28.08
CA VAL A 27 -4.77 0.24 -27.66
C VAL A 27 -4.77 1.75 -27.43
N ALA A 28 -5.54 2.48 -28.22
CA ALA A 28 -5.61 3.93 -28.10
C ALA A 28 -6.12 4.40 -26.74
N LEU A 29 -6.78 3.51 -26.00
CA LEU A 29 -7.32 3.86 -24.69
C LEU A 29 -6.30 3.75 -23.57
N PHE A 30 -5.17 3.11 -23.84
CA PHE A 30 -4.14 2.90 -22.83
C PHE A 30 -2.99 3.90 -22.84
N ALA A 31 -2.37 4.06 -21.67
CA ALA A 31 -1.23 4.94 -21.52
C ALA A 31 -0.04 4.15 -22.07
N ASP A 32 1.06 4.85 -22.38
CA ASP A 32 2.24 4.19 -22.92
C ASP A 32 2.86 3.16 -21.97
N ASP A 33 2.79 3.42 -20.67
CA ASP A 33 3.36 2.50 -19.69
C ASP A 33 2.30 1.70 -18.95
N ALA A 34 1.14 1.54 -19.58
CA ALA A 34 0.03 0.81 -18.99
C ALA A 34 0.35 -0.68 -18.85
N THR A 35 -0.43 -1.35 -18.02
CA THR A 35 -0.25 -2.77 -17.79
C THR A 35 -1.59 -3.48 -17.91
N VAL A 36 -1.54 -4.76 -18.28
CA VAL A 36 -2.73 -5.58 -18.42
C VAL A 36 -2.45 -6.89 -17.69
N GLU A 37 -3.30 -7.23 -16.73
CA GLU A 37 -3.15 -8.47 -15.97
C GLU A 37 -4.38 -9.31 -16.25
N ASN A 38 -4.21 -10.33 -17.10
CA ASN A 38 -5.30 -11.20 -17.50
C ASN A 38 -4.85 -12.65 -17.54
N PRO A 39 -5.35 -13.47 -16.60
CA PRO A 39 -6.26 -13.05 -15.53
C PRO A 39 -5.46 -12.56 -14.34
N VAL A 40 -6.18 -12.04 -13.35
CA VAL A 40 -5.53 -11.58 -12.13
C VAL A 40 -4.70 -12.76 -11.60
N GLY A 41 -3.47 -12.49 -11.18
CA GLY A 41 -2.61 -13.54 -10.67
C GLY A 41 -1.54 -13.96 -11.66
N SER A 42 -1.71 -13.59 -12.92
CA SER A 42 -0.73 -13.93 -13.94
C SER A 42 0.26 -12.78 -14.15
N GLU A 43 1.35 -13.07 -14.85
CA GLU A 43 2.35 -12.05 -15.12
C GLU A 43 1.74 -10.95 -15.98
N PRO A 44 1.77 -9.70 -15.48
CA PRO A 44 1.20 -8.56 -16.21
C PRO A 44 1.94 -8.20 -17.50
N ARG A 45 1.19 -7.87 -18.54
CA ARG A 45 1.80 -7.43 -19.79
C ARG A 45 2.07 -5.94 -19.59
N SER A 46 3.25 -5.48 -19.96
CA SER A 46 3.58 -4.07 -19.78
C SER A 46 4.02 -3.37 -21.06
N GLY A 47 3.44 -2.20 -21.32
CA GLY A 47 3.82 -1.45 -22.51
C GLY A 47 2.91 -1.66 -23.71
N THR A 48 2.88 -0.67 -24.59
CA THR A 48 2.07 -0.70 -25.80
C THR A 48 2.21 -1.99 -26.62
N ALA A 49 3.44 -2.36 -26.93
CA ALA A 49 3.70 -3.55 -27.71
C ALA A 49 3.09 -4.82 -27.10
N ALA A 50 3.34 -5.04 -25.82
CA ALA A 50 2.81 -6.22 -25.13
C ALA A 50 1.29 -6.21 -25.04
N ILE A 51 0.74 -5.03 -24.78
CA ILE A 51 -0.71 -4.89 -24.67
C ILE A 51 -1.37 -5.17 -26.02
N ARG A 52 -0.77 -4.67 -27.09
CA ARG A 52 -1.32 -4.89 -28.43
C ARG A 52 -1.31 -6.38 -28.75
N GLU A 53 -0.20 -7.04 -28.42
CA GLU A 53 -0.05 -8.46 -28.67
C GLU A 53 -1.13 -9.22 -27.90
N PHE A 54 -1.38 -8.83 -26.67
CA PHE A 54 -2.39 -9.47 -25.85
C PHE A 54 -3.77 -9.40 -26.51
N TYR A 55 -4.15 -8.21 -26.96
CA TYR A 55 -5.46 -8.07 -27.58
C TYR A 55 -5.53 -8.75 -28.94
N ALA A 56 -4.42 -8.78 -29.66
CA ALA A 56 -4.40 -9.43 -30.97
C ALA A 56 -4.68 -10.92 -30.76
N ASN A 57 -4.01 -11.52 -29.78
CA ASN A 57 -4.21 -12.94 -29.50
C ASN A 57 -5.59 -13.21 -28.90
N SER A 58 -6.07 -12.26 -28.10
CA SER A 58 -7.37 -12.41 -27.45
C SER A 58 -8.57 -12.26 -28.39
N LEU A 59 -8.33 -11.67 -29.55
CA LEU A 59 -9.41 -11.44 -30.51
C LEU A 59 -9.29 -12.22 -31.82
N LYS A 60 -8.31 -13.11 -31.90
CA LYS A 60 -8.12 -13.92 -33.11
C LYS A 60 -9.46 -14.61 -33.39
N LEU A 61 -10.08 -15.11 -32.33
CA LEU A 61 -11.37 -15.77 -32.42
C LEU A 61 -12.37 -14.68 -32.03
N PRO A 62 -13.29 -14.32 -32.94
CA PRO A 62 -14.29 -13.28 -32.67
C PRO A 62 -15.03 -13.43 -31.34
N LEU A 63 -15.15 -12.32 -30.61
CA LEU A 63 -15.82 -12.33 -29.32
C LEU A 63 -17.05 -11.44 -29.26
N ALA A 64 -18.11 -11.95 -28.62
CA ALA A 64 -19.34 -11.18 -28.41
C ALA A 64 -19.13 -10.70 -26.98
N VAL A 65 -18.97 -9.40 -26.81
CA VAL A 65 -18.71 -8.81 -25.50
C VAL A 65 -19.87 -7.90 -25.08
N GLU A 66 -20.40 -8.12 -23.89
CA GLU A 66 -21.53 -7.31 -23.44
C GLU A 66 -21.50 -6.94 -21.97
N LEU A 67 -21.75 -5.65 -21.70
CA LEU A 67 -21.83 -5.19 -20.32
C LEU A 67 -23.13 -5.79 -19.79
N THR A 68 -23.07 -6.43 -18.62
CA THR A 68 -24.27 -7.04 -18.06
C THR A 68 -24.92 -6.21 -16.94
N GLN A 69 -24.23 -5.16 -16.52
CA GLN A 69 -24.74 -4.25 -15.49
C GLN A 69 -24.14 -2.88 -15.74
N GLU A 70 -24.60 -1.91 -14.97
CA GLU A 70 -24.14 -0.54 -15.07
C GLU A 70 -22.65 -0.46 -14.73
N VAL A 71 -21.96 0.50 -15.33
CA VAL A 71 -20.55 0.68 -15.05
C VAL A 71 -20.41 1.40 -13.71
N ARG A 72 -19.42 1.01 -12.93
CA ARG A 72 -19.14 1.67 -11.66
C ARG A 72 -17.90 2.54 -11.92
N ALA A 73 -17.99 3.81 -11.62
CA ALA A 73 -16.86 4.71 -11.85
C ALA A 73 -16.75 5.75 -10.74
N VAL A 74 -15.54 5.91 -10.22
CA VAL A 74 -15.30 6.88 -9.16
C VAL A 74 -13.80 7.12 -9.00
N ALA A 75 -13.43 8.34 -8.64
CA ALA A 75 -12.02 8.71 -8.43
C ALA A 75 -10.97 8.00 -9.29
N ASN A 76 -10.93 8.30 -10.58
CA ASN A 76 -9.92 7.71 -11.47
C ASN A 76 -9.94 6.18 -11.63
N GLU A 77 -11.02 5.53 -11.21
CA GLU A 77 -11.13 4.08 -11.36
C GLU A 77 -12.51 3.67 -11.81
N ALA A 78 -12.58 2.53 -12.49
CA ALA A 78 -13.86 2.00 -12.94
C ALA A 78 -13.82 0.48 -12.88
N ALA A 79 -14.98 -0.11 -12.69
CA ALA A 79 -15.10 -1.56 -12.65
C ALA A 79 -16.40 -1.91 -13.36
N PHE A 80 -16.40 -3.03 -14.05
CA PHE A 80 -17.59 -3.44 -14.78
C PHE A 80 -17.72 -4.95 -14.89
N ALA A 81 -18.97 -5.39 -14.90
CA ALA A 81 -19.29 -6.80 -15.04
C ALA A 81 -19.74 -6.99 -16.49
N PHE A 82 -19.31 -8.08 -17.11
CA PHE A 82 -19.65 -8.31 -18.50
C PHE A 82 -19.46 -9.78 -18.84
N ILE A 83 -19.76 -10.12 -20.08
CA ILE A 83 -19.56 -11.48 -20.55
C ILE A 83 -18.85 -11.46 -21.89
N VAL A 84 -18.14 -12.54 -22.16
CA VAL A 84 -17.40 -12.72 -23.40
C VAL A 84 -17.86 -14.07 -23.91
N SER A 85 -18.45 -14.09 -25.10
CA SER A 85 -18.95 -15.34 -25.67
C SER A 85 -18.25 -15.67 -26.98
N PHE A 86 -17.98 -16.96 -27.19
CA PHE A 86 -17.33 -17.42 -28.40
C PHE A 86 -17.61 -18.90 -28.60
N GLU A 87 -17.34 -19.37 -29.81
CA GLU A 87 -17.55 -20.77 -30.13
C GLU A 87 -16.40 -21.28 -31.00
N TYR A 88 -16.00 -22.52 -30.74
CA TYR A 88 -14.92 -23.13 -31.51
C TYR A 88 -15.22 -24.61 -31.66
N GLN A 89 -15.30 -25.07 -32.90
CA GLN A 89 -15.61 -26.46 -33.20
C GLN A 89 -16.85 -26.97 -32.47
N GLY A 90 -17.93 -26.19 -32.55
CA GLY A 90 -19.18 -26.58 -31.92
C GLY A 90 -19.29 -26.41 -30.41
N ARG A 91 -18.20 -25.99 -29.77
CA ARG A 91 -18.20 -25.80 -28.33
C ARG A 91 -18.41 -24.32 -27.99
N LYS A 92 -19.50 -24.03 -27.28
CA LYS A 92 -19.81 -22.66 -26.88
C LYS A 92 -19.27 -22.37 -25.48
N THR A 93 -18.71 -21.18 -25.32
CA THR A 93 -18.19 -20.77 -24.02
C THR A 93 -18.62 -19.35 -23.70
N VAL A 94 -18.96 -19.12 -22.44
CA VAL A 94 -19.33 -17.79 -21.97
C VAL A 94 -18.49 -17.54 -20.74
N VAL A 95 -17.68 -16.49 -20.78
CA VAL A 95 -16.84 -16.13 -19.64
C VAL A 95 -17.45 -14.88 -19.02
N ALA A 96 -17.54 -14.87 -17.70
CA ALA A 96 -18.11 -13.72 -16.99
C ALA A 96 -17.10 -13.10 -16.04
N PRO A 97 -16.28 -12.17 -16.54
CA PRO A 97 -15.29 -11.54 -15.66
C PRO A 97 -15.79 -10.23 -15.08
N ILE A 98 -14.96 -9.66 -14.21
CA ILE A 98 -15.19 -8.33 -13.67
C ILE A 98 -13.85 -7.68 -13.94
N ASP A 99 -13.88 -6.59 -14.69
CA ASP A 99 -12.66 -5.85 -15.03
C ASP A 99 -12.54 -4.63 -14.14
N HIS A 100 -11.30 -4.25 -13.86
CA HIS A 100 -11.00 -3.07 -13.06
C HIS A 100 -10.03 -2.22 -13.87
N PHE A 101 -10.40 -0.97 -14.09
CA PHE A 101 -9.57 -0.02 -14.84
C PHE A 101 -9.09 1.08 -13.90
N ARG A 102 -7.83 1.48 -14.06
CA ARG A 102 -7.31 2.60 -13.29
C ARG A 102 -6.89 3.60 -14.37
N PHE A 103 -7.25 4.86 -14.18
CA PHE A 103 -6.93 5.91 -15.14
C PHE A 103 -5.94 6.92 -14.59
N ASN A 104 -5.14 7.50 -15.47
CA ASN A 104 -4.19 8.53 -15.03
C ASN A 104 -4.86 9.88 -15.26
N GLY A 105 -4.20 10.95 -14.83
CA GLY A 105 -4.76 12.28 -14.97
C GLY A 105 -5.18 12.66 -16.38
N ALA A 106 -4.47 12.14 -17.38
CA ALA A 106 -4.77 12.46 -18.77
C ALA A 106 -5.98 11.67 -19.31
N GLY A 107 -6.58 10.84 -18.46
CA GLY A 107 -7.74 10.07 -18.89
C GLY A 107 -7.45 8.78 -19.63
N LYS A 108 -6.18 8.34 -19.60
CA LYS A 108 -5.79 7.11 -20.27
C LYS A 108 -5.78 5.97 -19.26
N VAL A 109 -6.01 4.76 -19.73
CA VAL A 109 -5.99 3.60 -18.85
C VAL A 109 -4.55 3.20 -18.57
N VAL A 110 -4.17 3.22 -17.30
CA VAL A 110 -2.82 2.82 -16.92
C VAL A 110 -2.81 1.38 -16.39
N SER A 111 -3.98 0.84 -16.09
CA SER A 111 -4.06 -0.52 -15.59
C SER A 111 -5.39 -1.19 -15.85
N MET A 112 -5.33 -2.41 -16.36
CA MET A 112 -6.53 -3.20 -16.59
C MET A 112 -6.25 -4.54 -15.92
N ARG A 113 -7.15 -4.97 -15.05
CA ARG A 113 -7.01 -6.25 -14.36
C ARG A 113 -8.34 -6.99 -14.55
N ALA A 114 -8.26 -8.18 -15.11
CA ALA A 114 -9.44 -8.99 -15.36
C ALA A 114 -9.54 -10.10 -14.32
N LEU A 115 -10.56 -10.02 -13.48
CA LEU A 115 -10.73 -11.00 -12.43
C LEU A 115 -11.80 -12.02 -12.80
N PHE A 116 -11.34 -13.25 -13.02
CA PHE A 116 -12.23 -14.36 -13.35
C PHE A 116 -11.48 -15.66 -13.08
N GLY A 117 -12.21 -16.66 -12.61
CA GLY A 117 -11.62 -17.96 -12.34
C GLY A 117 -12.32 -18.99 -13.20
N GLU A 118 -11.91 -20.26 -13.07
CA GLU A 118 -12.53 -21.31 -13.86
C GLU A 118 -14.03 -21.39 -13.62
N LYS A 119 -14.47 -21.02 -12.41
CA LYS A 119 -15.90 -21.05 -12.10
C LYS A 119 -16.67 -19.99 -12.88
N ASN A 120 -15.94 -19.07 -13.51
CA ASN A 120 -16.57 -18.01 -14.28
C ASN A 120 -16.47 -18.28 -15.78
N ILE A 121 -15.96 -19.46 -16.12
CA ILE A 121 -15.83 -19.88 -17.51
C ILE A 121 -16.90 -20.97 -17.66
N HIS A 122 -17.96 -20.64 -18.38
CA HIS A 122 -19.09 -21.55 -18.55
C HIS A 122 -19.16 -22.25 -19.90
N ALA A 123 -19.11 -23.57 -19.87
CA ALA A 123 -19.18 -24.38 -21.09
C ALA A 123 -20.59 -24.91 -21.30
N GLY A 124 -20.79 -25.62 -22.41
CA GLY A 124 -22.10 -26.17 -22.70
C GLY A 124 -22.92 -25.34 -23.68
N ALA A 125 -23.29 -24.13 -23.25
CA ALA A 125 -24.08 -23.24 -24.09
C ALA A 125 -24.20 -21.87 -23.45
N MET B 1 -3.55 -22.34 0.85
CA MET B 1 -3.94 -21.64 -0.41
C MET B 1 -5.41 -21.23 -0.36
N ASN B 2 -5.73 -20.06 -0.92
CA ASN B 2 -7.10 -19.58 -0.95
C ASN B 2 -7.86 -20.23 -2.10
N THR B 3 -8.72 -21.18 -1.77
CA THR B 3 -9.51 -21.84 -2.79
C THR B 3 -10.61 -20.90 -3.26
N PRO B 4 -11.11 -21.10 -4.48
CA PRO B 4 -12.18 -20.23 -4.96
C PRO B 4 -13.39 -20.42 -4.07
N GLU B 5 -13.56 -21.64 -3.58
CA GLU B 5 -14.67 -21.97 -2.70
C GLU B 5 -14.59 -21.17 -1.41
N HIS B 6 -13.39 -21.01 -0.87
CA HIS B 6 -13.24 -20.26 0.37
C HIS B 6 -13.55 -18.79 0.16
N MET B 7 -12.94 -18.19 -0.85
CA MET B 7 -13.16 -16.78 -1.11
C MET B 7 -14.62 -16.48 -1.41
N THR B 8 -15.27 -17.40 -2.13
CA THR B 8 -16.68 -17.24 -2.45
C THR B 8 -17.52 -17.36 -1.18
N ALA B 9 -17.18 -18.31 -0.32
CA ALA B 9 -17.90 -18.49 0.94
C ALA B 9 -17.77 -17.23 1.79
N VAL B 10 -16.57 -16.65 1.82
CA VAL B 10 -16.36 -15.44 2.61
C VAL B 10 -17.21 -14.27 2.06
N VAL B 11 -17.29 -14.15 0.74
CA VAL B 11 -18.11 -13.10 0.14
C VAL B 11 -19.57 -13.31 0.53
N GLN B 12 -20.02 -14.56 0.47
CA GLN B 12 -21.40 -14.87 0.85
C GLN B 12 -21.66 -14.55 2.31
N ARG B 13 -20.69 -14.87 3.17
CA ARG B 13 -20.83 -14.61 4.60
C ARG B 13 -20.87 -13.11 4.86
N TYR B 14 -20.06 -12.37 4.13
CA TYR B 14 -20.01 -10.92 4.26
C TYR B 14 -21.37 -10.32 3.95
N VAL B 15 -21.93 -10.71 2.82
CA VAL B 15 -23.25 -10.22 2.41
C VAL B 15 -24.32 -10.61 3.43
N ALA B 16 -24.26 -11.85 3.91
CA ALA B 16 -25.23 -12.33 4.87
C ALA B 16 -25.14 -11.55 6.19
N ALA B 17 -23.91 -11.29 6.64
CA ALA B 17 -23.71 -10.57 7.90
C ALA B 17 -24.24 -9.15 7.78
N LEU B 18 -24.02 -8.52 6.63
CA LEU B 18 -24.50 -7.16 6.41
C LEU B 18 -26.02 -7.15 6.41
N ASN B 19 -26.61 -8.09 5.68
CA ASN B 19 -28.06 -8.19 5.57
C ASN B 19 -28.72 -8.49 6.92
N ALA B 20 -27.94 -9.04 7.84
CA ALA B 20 -28.46 -9.37 9.17
C ALA B 20 -27.97 -8.43 10.27
N GLY B 21 -27.10 -7.50 9.92
CA GLY B 21 -26.58 -6.55 10.90
C GLY B 21 -25.69 -7.20 11.94
N ASP B 22 -24.99 -8.26 11.54
CA ASP B 22 -24.08 -8.98 12.43
C ASP B 22 -22.70 -8.34 12.38
N LEU B 23 -22.47 -7.33 13.21
CA LEU B 23 -21.19 -6.63 13.23
C LEU B 23 -19.98 -7.53 13.50
N ASP B 24 -20.03 -8.32 14.56
CA ASP B 24 -18.90 -9.22 14.88
C ASP B 24 -18.66 -10.20 13.74
N GLY B 25 -19.74 -10.60 13.07
CA GLY B 25 -19.62 -11.53 11.96
C GLY B 25 -18.88 -10.93 10.79
N ILE B 26 -19.09 -9.64 10.55
CA ILE B 26 -18.42 -8.95 9.46
C ILE B 26 -16.95 -8.76 9.78
N VAL B 27 -16.68 -8.18 10.94
CA VAL B 27 -15.31 -7.92 11.36
C VAL B 27 -14.46 -9.18 11.45
N ALA B 28 -15.08 -10.30 11.83
CA ALA B 28 -14.35 -11.57 11.96
C ALA B 28 -13.71 -12.03 10.65
N LEU B 29 -14.24 -11.56 9.52
CA LEU B 29 -13.71 -11.95 8.22
C LEU B 29 -12.42 -11.22 7.84
N PHE B 30 -12.15 -10.12 8.52
CA PHE B 30 -10.98 -9.29 8.26
C PHE B 30 -9.77 -9.60 9.13
N ALA B 31 -8.58 -9.40 8.57
CA ALA B 31 -7.34 -9.58 9.33
C ALA B 31 -7.28 -8.39 10.29
N ASP B 32 -6.51 -8.51 11.36
CA ASP B 32 -6.43 -7.42 12.33
C ASP B 32 -5.74 -6.17 11.79
N ASP B 33 -4.98 -6.32 10.70
CA ASP B 33 -4.28 -5.20 10.08
C ASP B 33 -4.81 -4.92 8.68
N ALA B 34 -6.06 -5.30 8.44
CA ALA B 34 -6.70 -5.11 7.15
C ALA B 34 -7.06 -3.64 6.87
N THR B 35 -7.32 -3.34 5.61
CA THR B 35 -7.68 -1.99 5.18
C THR B 35 -9.02 -2.00 4.44
N VAL B 36 -9.83 -0.97 4.69
CA VAL B 36 -11.11 -0.79 4.04
C VAL B 36 -11.11 0.57 3.37
N GLU B 37 -11.40 0.60 2.07
CA GLU B 37 -11.48 1.84 1.30
C GLU B 37 -12.88 1.81 0.69
N ASN B 38 -13.81 2.48 1.37
CA ASN B 38 -15.22 2.49 0.97
C ASN B 38 -15.80 3.89 1.11
N PRO B 39 -16.07 4.57 -0.02
CA PRO B 39 -15.85 4.09 -1.38
C PRO B 39 -14.42 4.32 -1.84
N VAL B 40 -14.10 3.74 -2.99
CA VAL B 40 -12.80 3.92 -3.60
C VAL B 40 -12.60 5.44 -3.73
N GLY B 41 -11.41 5.92 -3.36
CA GLY B 41 -11.14 7.34 -3.44
C GLY B 41 -11.22 8.03 -2.09
N SER B 42 -11.83 7.37 -1.11
CA SER B 42 -11.95 7.93 0.23
C SER B 42 -10.75 7.49 1.06
N GLU B 43 -10.58 8.11 2.23
CA GLU B 43 -9.48 7.80 3.13
C GLU B 43 -9.49 6.34 3.58
N PRO B 44 -8.36 5.63 3.36
CA PRO B 44 -8.29 4.21 3.77
C PRO B 44 -8.42 4.11 5.29
N ARG B 45 -9.19 3.13 5.74
CA ARG B 45 -9.39 2.89 7.17
C ARG B 45 -8.77 1.52 7.48
N SER B 46 -7.76 1.48 8.35
CA SER B 46 -7.11 0.20 8.64
C SER B 46 -7.12 -0.16 10.12
N GLY B 47 -7.05 -1.46 10.38
CA GLY B 47 -7.05 -1.94 11.74
C GLY B 47 -8.45 -2.28 12.21
N THR B 48 -8.53 -3.23 13.13
CA THR B 48 -9.83 -3.68 13.65
C THR B 48 -10.74 -2.55 14.15
N ALA B 49 -10.20 -1.64 14.95
CA ALA B 49 -11.02 -0.55 15.49
C ALA B 49 -11.66 0.32 14.41
N ALA B 50 -10.87 0.76 13.43
CA ALA B 50 -11.40 1.59 12.36
C ALA B 50 -12.41 0.83 11.50
N ILE B 51 -12.12 -0.43 11.23
CA ILE B 51 -13.02 -1.24 10.42
C ILE B 51 -14.35 -1.48 11.15
N ARG B 52 -14.28 -1.77 12.44
CA ARG B 52 -15.49 -1.99 13.21
C ARG B 52 -16.34 -0.71 13.25
N GLU B 53 -15.69 0.42 13.45
CA GLU B 53 -16.39 1.70 13.52
C GLU B 53 -17.13 1.95 12.20
N PHE B 54 -16.46 1.68 11.09
CA PHE B 54 -17.09 1.90 9.80
C PHE B 54 -18.36 1.09 9.63
N TYR B 55 -18.27 -0.21 9.88
CA TYR B 55 -19.45 -1.04 9.72
C TYR B 55 -20.52 -0.78 10.77
N ALA B 56 -20.10 -0.43 11.98
CA ALA B 56 -21.06 -0.13 13.04
C ALA B 56 -21.93 1.05 12.61
N ASN B 57 -21.30 2.05 12.01
CA ASN B 57 -22.02 3.22 11.54
C ASN B 57 -22.93 2.89 10.36
N SER B 58 -22.44 2.04 9.46
CA SER B 58 -23.25 1.67 8.30
C SER B 58 -24.50 0.92 8.74
N LEU B 59 -24.36 0.08 9.76
CA LEU B 59 -25.48 -0.71 10.26
C LEU B 59 -26.48 0.07 11.13
N LYS B 60 -26.32 1.38 11.23
CA LYS B 60 -27.26 2.19 12.00
C LYS B 60 -28.61 2.18 11.28
N LEU B 61 -28.59 1.71 10.03
CA LEU B 61 -29.81 1.60 9.23
C LEU B 61 -29.90 0.15 8.77
N PRO B 62 -31.13 -0.37 8.64
CA PRO B 62 -31.30 -1.75 8.18
C PRO B 62 -30.87 -1.81 6.73
N LEU B 63 -29.97 -2.73 6.41
CA LEU B 63 -29.49 -2.86 5.04
C LEU B 63 -29.95 -4.16 4.41
N ALA B 64 -30.53 -4.05 3.22
CA ALA B 64 -30.95 -5.22 2.47
C ALA B 64 -29.84 -5.38 1.44
N VAL B 65 -29.04 -6.41 1.60
CA VAL B 65 -27.91 -6.65 0.70
C VAL B 65 -28.04 -7.98 -0.01
N GLU B 66 -27.80 -7.98 -1.31
CA GLU B 66 -27.87 -9.23 -2.06
C GLU B 66 -26.95 -9.22 -3.27
N LEU B 67 -26.32 -10.37 -3.51
CA LEU B 67 -25.44 -10.54 -4.65
C LEU B 67 -26.32 -10.52 -5.90
N THR B 68 -25.85 -9.91 -6.97
CA THR B 68 -26.65 -9.84 -8.20
C THR B 68 -26.06 -10.67 -9.33
N GLN B 69 -24.88 -11.22 -9.10
CA GLN B 69 -24.20 -12.07 -10.07
C GLN B 69 -23.26 -13.03 -9.35
N GLU B 70 -22.71 -13.96 -10.12
CA GLU B 70 -21.76 -14.93 -9.60
C GLU B 70 -20.53 -14.21 -9.07
N VAL B 71 -19.89 -14.81 -8.07
CA VAL B 71 -18.68 -14.21 -7.52
C VAL B 71 -17.52 -14.57 -8.44
N ARG B 72 -16.60 -13.64 -8.62
CA ARG B 72 -15.41 -13.88 -9.42
C ARG B 72 -14.29 -14.06 -8.42
N ALA B 73 -13.55 -15.15 -8.54
CA ALA B 73 -12.47 -15.40 -7.60
C ALA B 73 -11.33 -16.15 -8.25
N VAL B 74 -10.13 -15.61 -8.09
CA VAL B 74 -8.94 -16.22 -8.67
C VAL B 74 -7.72 -15.71 -7.89
N ALA B 75 -6.68 -16.54 -7.84
CA ALA B 75 -5.48 -16.18 -7.11
C ALA B 75 -5.90 -15.93 -5.66
N ASN B 76 -5.57 -14.78 -5.10
CA ASN B 76 -5.97 -14.49 -3.73
C ASN B 76 -6.91 -13.31 -3.72
N GLU B 77 -7.71 -13.20 -4.77
CA GLU B 77 -8.62 -12.07 -4.88
C GLU B 77 -10.04 -12.47 -5.33
N ALA B 78 -11.00 -11.64 -4.95
CA ALA B 78 -12.38 -11.85 -5.34
C ALA B 78 -13.05 -10.52 -5.63
N ALA B 79 -14.00 -10.52 -6.55
CA ALA B 79 -14.75 -9.32 -6.89
C ALA B 79 -16.19 -9.75 -7.04
N PHE B 80 -17.10 -8.88 -6.62
CA PHE B 80 -18.51 -9.21 -6.72
C PHE B 80 -19.40 -8.01 -6.91
N ALA B 81 -20.50 -8.24 -7.63
CA ALA B 81 -21.50 -7.23 -7.90
C ALA B 81 -22.67 -7.49 -6.98
N PHE B 82 -23.22 -6.44 -6.39
CA PHE B 82 -24.34 -6.56 -5.47
C PHE B 82 -25.10 -5.25 -5.31
N ILE B 83 -26.17 -5.28 -4.53
CA ILE B 83 -26.93 -4.07 -4.25
C ILE B 83 -27.13 -3.95 -2.75
N VAL B 84 -27.20 -2.70 -2.28
CA VAL B 84 -27.43 -2.39 -0.89
C VAL B 84 -28.63 -1.45 -0.91
N SER B 85 -29.74 -1.88 -0.33
CA SER B 85 -30.95 -1.08 -0.32
C SER B 85 -31.33 -0.63 1.09
N PHE B 86 -31.77 0.61 1.22
CA PHE B 86 -32.14 1.17 2.51
C PHE B 86 -32.92 2.47 2.29
N GLU B 87 -33.49 3.01 3.36
CA GLU B 87 -34.22 4.26 3.26
C GLU B 87 -33.39 5.36 3.94
N TYR B 88 -33.05 6.37 3.17
CA TYR B 88 -32.24 7.48 3.68
C TYR B 88 -32.91 8.81 3.38
N GLN B 89 -33.07 9.63 4.42
CA GLN B 89 -33.70 10.93 4.27
C GLN B 89 -35.09 10.79 3.66
N GLY B 90 -35.79 9.72 4.04
CA GLY B 90 -37.13 9.49 3.54
C GLY B 90 -37.20 9.18 2.06
N ARG B 91 -36.20 8.47 1.56
CA ARG B 91 -36.16 8.12 0.14
C ARG B 91 -35.60 6.72 -0.04
N LYS B 92 -36.28 5.91 -0.82
CA LYS B 92 -35.84 4.54 -1.08
C LYS B 92 -34.53 4.67 -1.85
N THR B 93 -33.45 4.11 -1.33
CA THR B 93 -32.15 4.21 -1.98
C THR B 93 -31.53 2.85 -2.27
N VAL B 94 -31.05 2.68 -3.50
CA VAL B 94 -30.41 1.44 -3.90
C VAL B 94 -29.03 1.75 -4.46
N VAL B 95 -27.99 1.24 -3.80
CA VAL B 95 -26.62 1.46 -4.24
C VAL B 95 -26.10 0.18 -4.87
N ALA B 96 -25.49 0.29 -6.04
CA ALA B 96 -24.96 -0.88 -6.75
C ALA B 96 -23.45 -0.81 -6.93
N PRO B 97 -22.69 -1.33 -5.95
CA PRO B 97 -21.24 -1.28 -6.07
C PRO B 97 -20.67 -2.57 -6.63
N ILE B 98 -19.35 -2.57 -6.80
CA ILE B 98 -18.60 -3.75 -7.17
C ILE B 98 -17.50 -3.69 -6.12
N ASP B 99 -17.43 -4.74 -5.30
CA ASP B 99 -16.44 -4.81 -4.24
C ASP B 99 -15.31 -5.70 -4.69
N HIS B 100 -14.12 -5.42 -4.15
CA HIS B 100 -12.94 -6.21 -4.44
C HIS B 100 -12.26 -6.56 -3.11
N PHE B 101 -12.01 -7.84 -2.92
CA PHE B 101 -11.36 -8.35 -1.71
C PHE B 101 -10.01 -8.95 -2.05
N ARG B 102 -9.03 -8.74 -1.18
CA ARG B 102 -7.72 -9.38 -1.35
C ARG B 102 -7.58 -10.20 -0.06
N PHE B 103 -7.15 -11.46 -0.19
CA PHE B 103 -7.00 -12.35 0.95
C PHE B 103 -5.54 -12.69 1.24
N ASN B 104 -5.23 -13.00 2.50
CA ASN B 104 -3.88 -13.41 2.84
C ASN B 104 -3.85 -14.93 2.98
N GLY B 105 -2.72 -15.46 3.43
CA GLY B 105 -2.60 -16.90 3.59
C GLY B 105 -3.55 -17.57 4.56
N ALA B 106 -3.98 -16.85 5.59
CA ALA B 106 -4.89 -17.40 6.59
C ALA B 106 -6.33 -17.35 6.11
N GLY B 107 -6.54 -16.89 4.87
CA GLY B 107 -7.88 -16.81 4.34
C GLY B 107 -8.66 -15.62 4.85
N LYS B 108 -7.97 -14.66 5.44
CA LYS B 108 -8.60 -13.45 5.96
C LYS B 108 -8.57 -12.36 4.91
N VAL B 109 -9.54 -11.46 4.96
CA VAL B 109 -9.56 -10.34 4.02
C VAL B 109 -8.57 -9.30 4.55
N VAL B 110 -7.56 -8.96 3.76
CA VAL B 110 -6.59 -7.96 4.19
C VAL B 110 -6.87 -6.60 3.56
N SER B 111 -7.68 -6.59 2.51
CA SER B 111 -8.01 -5.34 1.86
C SER B 111 -9.32 -5.44 1.13
N MET B 112 -10.19 -4.45 1.35
CA MET B 112 -11.46 -4.42 0.65
C MET B 112 -11.64 -3.02 0.10
N ARG B 113 -12.16 -2.95 -1.12
CA ARG B 113 -12.40 -1.68 -1.75
C ARG B 113 -13.78 -1.76 -2.39
N ALA B 114 -14.61 -0.76 -2.10
CA ALA B 114 -15.96 -0.72 -2.63
C ALA B 114 -16.01 0.33 -3.71
N LEU B 115 -16.15 -0.10 -4.96
CA LEU B 115 -16.17 0.83 -6.07
C LEU B 115 -17.60 1.16 -6.52
N PHE B 116 -18.01 2.38 -6.22
CA PHE B 116 -19.31 2.88 -6.62
C PHE B 116 -19.23 4.40 -6.63
N GLY B 117 -19.90 5.01 -7.60
CA GLY B 117 -19.89 6.45 -7.73
C GLY B 117 -21.30 6.99 -7.62
N GLU B 118 -21.45 8.30 -7.81
CA GLU B 118 -22.76 8.93 -7.71
C GLU B 118 -23.79 8.30 -8.65
N LYS B 119 -23.36 7.88 -9.83
CA LYS B 119 -24.28 7.29 -10.79
C LYS B 119 -24.69 5.86 -10.41
N ASN B 120 -24.12 5.34 -9.32
CA ASN B 120 -24.46 3.99 -8.86
C ASN B 120 -25.29 4.09 -7.59
N ILE B 121 -25.65 5.32 -7.23
CA ILE B 121 -26.46 5.58 -6.04
C ILE B 121 -27.82 6.03 -6.57
N HIS B 122 -28.81 5.16 -6.41
CA HIS B 122 -30.13 5.45 -6.93
C HIS B 122 -31.18 5.74 -5.87
N ALA B 123 -31.48 7.03 -5.70
CA ALA B 123 -32.47 7.47 -4.72
C ALA B 123 -33.79 7.67 -5.44
N GLY B 124 -34.85 7.02 -4.95
CA GLY B 124 -36.15 7.15 -5.58
C GLY B 124 -37.08 8.14 -4.90
N ALA B 125 -36.50 9.07 -4.14
CA ALA B 125 -37.30 10.07 -3.43
C ALA B 125 -38.27 9.41 -2.45
N MET C 1 32.92 12.93 0.23
CA MET C 1 32.42 11.54 0.41
C MET C 1 32.32 11.20 1.90
N ASN C 2 31.51 10.18 2.21
CA ASN C 2 31.31 9.78 3.61
C ASN C 2 31.57 8.30 3.87
N THR C 3 32.32 8.02 4.93
CA THR C 3 32.59 6.64 5.30
C THR C 3 31.53 6.27 6.33
N PRO C 4 31.25 4.97 6.48
CA PRO C 4 30.26 4.52 7.46
C PRO C 4 30.75 4.90 8.85
N GLU C 5 32.07 4.81 9.05
CA GLU C 5 32.66 5.15 10.33
C GLU C 5 32.35 6.60 10.69
N HIS C 6 32.46 7.48 9.71
CA HIS C 6 32.19 8.89 9.96
C HIS C 6 30.74 9.14 10.35
N MET C 7 29.80 8.64 9.55
CA MET C 7 28.40 8.88 9.85
C MET C 7 27.99 8.25 11.17
N THR C 8 28.54 7.09 11.49
CA THR C 8 28.22 6.42 12.74
C THR C 8 28.79 7.21 13.92
N ALA C 9 30.00 7.73 13.76
CA ALA C 9 30.62 8.52 14.82
C ALA C 9 29.84 9.81 15.06
N VAL C 10 29.33 10.41 13.98
CA VAL C 10 28.55 11.62 14.13
C VAL C 10 27.27 11.32 14.92
N VAL C 11 26.66 10.17 14.65
CA VAL C 11 25.44 9.81 15.39
C VAL C 11 25.81 9.69 16.87
N GLN C 12 26.93 9.06 17.17
CA GLN C 12 27.34 8.91 18.56
C GLN C 12 27.63 10.27 19.21
N ARG C 13 28.30 11.15 18.48
CA ARG C 13 28.62 12.48 19.00
C ARG C 13 27.35 13.30 19.22
N TYR C 14 26.34 13.06 18.38
CA TYR C 14 25.07 13.76 18.49
C TYR C 14 24.39 13.36 19.80
N VAL C 15 24.28 12.06 20.02
CA VAL C 15 23.66 11.53 21.23
C VAL C 15 24.43 12.00 22.48
N ALA C 16 25.76 11.99 22.40
CA ALA C 16 26.58 12.41 23.54
C ALA C 16 26.36 13.89 23.84
N ALA C 17 26.26 14.71 22.80
CA ALA C 17 26.06 16.14 22.99
C ALA C 17 24.68 16.39 23.61
N LEU C 18 23.67 15.64 23.19
CA LEU C 18 22.34 15.83 23.76
C LEU C 18 22.39 15.51 25.25
N ASN C 19 23.07 14.43 25.60
CA ASN C 19 23.18 14.03 27.00
C ASN C 19 23.96 15.04 27.83
N ALA C 20 24.93 15.70 27.20
CA ALA C 20 25.76 16.67 27.90
C ALA C 20 25.21 18.09 27.89
N GLY C 21 24.20 18.34 27.08
CA GLY C 21 23.65 19.70 27.00
C GLY C 21 24.63 20.57 26.23
N ASP C 22 25.42 19.94 25.37
CA ASP C 22 26.42 20.64 24.57
C ASP C 22 25.81 21.21 23.29
N LEU C 23 25.18 22.38 23.42
CA LEU C 23 24.55 23.04 22.28
C LEU C 23 25.50 23.27 21.11
N ASP C 24 26.68 23.82 21.39
CA ASP C 24 27.66 24.08 20.35
C ASP C 24 28.08 22.81 19.63
N GLY C 25 28.24 21.74 20.41
CA GLY C 25 28.64 20.46 19.85
C GLY C 25 27.61 19.92 18.87
N ILE C 26 26.34 20.10 19.19
CA ILE C 26 25.25 19.63 18.33
C ILE C 26 25.24 20.43 17.03
N VAL C 27 25.21 21.74 17.15
CA VAL C 27 25.17 22.63 16.00
C VAL C 27 26.35 22.41 15.04
N ALA C 28 27.52 22.12 15.60
CA ALA C 28 28.72 21.91 14.80
C ALA C 28 28.65 20.72 13.86
N LEU C 29 27.71 19.81 14.10
CA LEU C 29 27.57 18.63 13.26
C LEU C 29 26.82 18.93 11.98
N PHE C 30 26.12 20.05 11.99
CA PHE C 30 25.29 20.46 10.86
C PHE C 30 25.93 21.40 9.84
N ALA C 31 25.48 21.27 8.60
CA ALA C 31 25.93 22.11 7.51
C ALA C 31 25.27 23.48 7.74
N ASP C 32 25.83 24.53 7.15
CA ASP C 32 25.27 25.86 7.32
C ASP C 32 23.87 25.97 6.74
N ASP C 33 23.59 25.18 5.71
CA ASP C 33 22.28 25.18 5.05
C ASP C 33 21.48 23.94 5.40
N ALA C 34 21.73 23.39 6.57
CA ALA C 34 21.02 22.19 7.00
C ALA C 34 19.56 22.51 7.31
N THR C 35 18.73 21.49 7.31
CA THR C 35 17.32 21.63 7.64
C THR C 35 16.98 20.53 8.65
N VAL C 36 16.25 20.92 9.68
CA VAL C 36 15.83 19.98 10.72
C VAL C 36 14.30 19.90 10.71
N GLU C 37 13.78 18.69 10.58
CA GLU C 37 12.33 18.48 10.60
C GLU C 37 12.06 17.55 11.76
N ASN C 38 11.68 18.13 12.90
CA ASN C 38 11.42 17.37 14.12
C ASN C 38 10.11 17.78 14.79
N PRO C 39 9.07 16.95 14.69
CA PRO C 39 9.08 15.68 13.96
C PRO C 39 8.71 15.89 12.51
N VAL C 40 8.87 14.84 11.70
CA VAL C 40 8.49 14.91 10.30
C VAL C 40 7.03 15.37 10.26
N GLY C 41 6.72 16.30 9.36
CA GLY C 41 5.35 16.79 9.27
C GLY C 41 5.21 18.20 9.83
N SER C 42 6.17 18.60 10.65
CA SER C 42 6.15 19.94 11.25
C SER C 42 6.99 20.89 10.42
N GLU C 43 6.82 22.20 10.65
CA GLU C 43 7.58 23.20 9.92
C GLU C 43 9.06 23.01 10.17
N PRO C 44 9.86 22.86 9.10
CA PRO C 44 11.30 22.66 9.27
C PRO C 44 12.03 23.87 9.85
N ARG C 45 13.17 23.60 10.49
CA ARG C 45 14.02 24.63 11.04
C ARG C 45 15.19 24.62 10.04
N SER C 46 15.39 25.73 9.34
CA SER C 46 16.45 25.80 8.34
C SER C 46 17.52 26.84 8.63
N GLY C 47 18.78 26.43 8.48
CA GLY C 47 19.87 27.36 8.72
C GLY C 47 20.41 27.24 10.14
N THR C 48 21.65 27.65 10.32
CA THR C 48 22.32 27.60 11.60
C THR C 48 21.56 28.22 12.76
N ALA C 49 21.12 29.47 12.58
CA ALA C 49 20.39 30.17 13.63
C ALA C 49 19.12 29.47 14.09
N ALA C 50 18.29 29.03 13.15
CA ALA C 50 17.05 28.36 13.50
C ALA C 50 17.30 27.01 14.17
N ILE C 51 18.32 26.30 13.71
CA ILE C 51 18.65 25.00 14.27
C ILE C 51 19.20 25.16 15.69
N ARG C 52 20.03 26.18 15.89
CA ARG C 52 20.58 26.45 17.22
C ARG C 52 19.44 26.74 18.19
N GLU C 53 18.49 27.54 17.74
CA GLU C 53 17.34 27.90 18.58
C GLU C 53 16.55 26.65 18.96
N PHE C 54 16.33 25.78 17.98
CA PHE C 54 15.58 24.55 18.21
C PHE C 54 16.20 23.72 19.32
N TYR C 55 17.49 23.43 19.20
CA TYR C 55 18.16 22.63 20.21
C TYR C 55 18.31 23.36 21.54
N ALA C 56 18.41 24.68 21.50
CA ALA C 56 18.54 25.45 22.74
C ALA C 56 17.31 25.22 23.58
N ASN C 57 16.14 25.21 22.92
CA ASN C 57 14.88 25.00 23.61
C ASN C 57 14.73 23.55 24.02
N SER C 58 15.21 22.64 23.17
CA SER C 58 15.13 21.21 23.45
C SER C 58 15.94 20.83 24.68
N LEU C 59 17.02 21.55 24.91
CA LEU C 59 17.90 21.28 26.05
C LEU C 59 17.48 22.05 27.29
N LYS C 60 16.30 22.68 27.24
CA LYS C 60 15.78 23.45 28.36
C LYS C 60 15.66 22.52 29.56
N LEU C 61 15.28 21.28 29.29
CA LEU C 61 15.13 20.27 30.33
C LEU C 61 16.19 19.19 30.12
N PRO C 62 16.71 18.61 31.20
CA PRO C 62 17.74 17.57 31.07
C PRO C 62 17.22 16.37 30.28
N LEU C 63 18.01 15.92 29.31
CA LEU C 63 17.61 14.79 28.48
C LEU C 63 18.53 13.60 28.67
N ALA C 64 17.94 12.41 28.68
CA ALA C 64 18.69 11.17 28.79
C ALA C 64 18.45 10.47 27.46
N VAL C 65 19.47 10.44 26.62
CA VAL C 65 19.36 9.83 25.30
C VAL C 65 20.23 8.59 25.14
N GLU C 66 19.67 7.55 24.54
CA GLU C 66 20.43 6.32 24.34
C GLU C 66 20.03 5.58 23.07
N LEU C 67 21.04 5.10 22.34
CA LEU C 67 20.80 4.33 21.13
C LEU C 67 20.28 2.98 21.59
N THR C 68 19.25 2.48 20.94
CA THR C 68 18.67 1.20 21.33
C THR C 68 18.99 0.06 20.37
N GLN C 69 19.66 0.39 19.26
CA GLN C 69 20.08 -0.59 18.26
C GLN C 69 21.31 -0.09 17.54
N GLU C 70 21.90 -0.95 16.74
CA GLU C 70 23.06 -0.61 15.95
C GLU C 70 22.68 0.49 14.98
N VAL C 71 23.63 1.35 14.63
CA VAL C 71 23.38 2.42 13.68
C VAL C 71 23.44 1.85 12.27
N ARG C 72 22.59 2.37 11.39
CA ARG C 72 22.58 1.94 9.99
C ARG C 72 23.19 3.09 9.19
N ALA C 73 24.26 2.79 8.45
CA ALA C 73 24.93 3.83 7.68
C ALA C 73 25.37 3.30 6.33
N VAL C 74 25.03 4.04 5.29
CA VAL C 74 25.40 3.67 3.93
C VAL C 74 25.15 4.87 3.00
N ALA C 75 25.94 4.95 1.94
CA ALA C 75 25.82 6.01 0.94
C ALA C 75 25.31 7.38 1.40
N ASN C 76 26.14 8.10 2.13
CA ASN C 76 25.82 9.44 2.63
C ASN C 76 24.59 9.57 3.52
N GLU C 77 24.06 8.46 4.00
CA GLU C 77 22.90 8.53 4.87
C GLU C 77 23.02 7.60 6.07
N ALA C 78 22.35 7.97 7.17
CA ALA C 78 22.37 7.15 8.36
C ALA C 78 21.04 7.24 9.08
N ALA C 79 20.62 6.14 9.66
CA ALA C 79 19.38 6.11 10.42
C ALA C 79 19.63 5.36 11.71
N PHE C 80 18.95 5.79 12.78
CA PHE C 80 19.11 5.14 14.06
C PHE C 80 17.88 5.20 14.92
N ALA C 81 17.72 4.18 15.77
CA ALA C 81 16.60 4.08 16.68
C ALA C 81 17.16 4.40 18.06
N PHE C 82 16.38 5.12 18.85
CA PHE C 82 16.83 5.51 20.17
C PHE C 82 15.67 5.96 21.04
N ILE C 83 16.00 6.33 22.27
CA ILE C 83 14.98 6.82 23.20
C ILE C 83 15.47 8.10 23.84
N VAL C 84 14.53 8.94 24.23
CA VAL C 84 14.83 10.20 24.88
C VAL C 84 13.91 10.24 26.09
N SER C 85 14.50 10.25 27.27
CA SER C 85 13.74 10.26 28.52
C SER C 85 13.91 11.56 29.29
N PHE C 86 12.82 12.03 29.89
CA PHE C 86 12.83 13.26 30.66
C PHE C 86 11.60 13.29 31.56
N GLU C 87 11.59 14.21 32.51
CA GLU C 87 10.44 14.34 33.41
C GLU C 87 9.71 15.64 33.15
N TYR C 88 8.40 15.54 32.92
CA TYR C 88 7.58 16.72 32.66
C TYR C 88 6.62 17.00 33.80
N GLN C 89 7.01 17.91 34.69
CA GLN C 89 6.19 18.30 35.82
C GLN C 89 5.78 17.11 36.68
N GLY C 90 6.73 16.22 36.97
CA GLY C 90 6.43 15.06 37.79
C GLY C 90 6.62 13.72 37.11
N ARG C 91 5.73 13.39 36.18
CA ARG C 91 5.80 12.12 35.48
C ARG C 91 6.96 12.03 34.49
N LYS C 92 7.49 10.83 34.33
CA LYS C 92 8.61 10.59 33.42
C LYS C 92 8.08 10.14 32.06
N THR C 93 8.63 10.71 31.00
CA THR C 93 8.21 10.37 29.65
C THR C 93 9.37 9.86 28.81
N VAL C 94 9.07 8.90 27.93
CA VAL C 94 10.08 8.33 27.05
C VAL C 94 9.59 8.42 25.60
N VAL C 95 10.36 9.10 24.77
CA VAL C 95 10.03 9.24 23.36
C VAL C 95 10.99 8.35 22.59
N ALA C 96 10.45 7.52 21.70
CA ALA C 96 11.27 6.59 20.92
C ALA C 96 11.18 6.85 19.43
N PRO C 97 12.02 7.74 18.91
CA PRO C 97 11.99 8.04 17.48
C PRO C 97 13.00 7.23 16.67
N ILE C 98 12.96 7.48 15.37
CA ILE C 98 13.94 6.93 14.44
C ILE C 98 14.34 8.20 13.70
N ASP C 99 15.63 8.50 13.72
CA ASP C 99 16.15 9.68 13.05
C ASP C 99 16.81 9.26 11.74
N HIS C 100 16.66 10.10 10.73
CA HIS C 100 17.26 9.86 9.42
C HIS C 100 18.16 11.05 9.12
N PHE C 101 19.44 10.80 8.96
CA PHE C 101 20.44 11.84 8.67
C PHE C 101 20.91 11.72 7.21
N ARG C 102 21.07 12.85 6.55
CA ARG C 102 21.62 12.88 5.20
C ARG C 102 22.85 13.77 5.35
N PHE C 103 24.00 13.29 4.86
CA PHE C 103 25.25 14.02 4.96
C PHE C 103 25.67 14.61 3.61
N ASN C 104 26.28 15.80 3.64
CA ASN C 104 26.78 16.39 2.41
C ASN C 104 28.18 15.83 2.17
N GLY C 105 28.81 16.20 1.07
CA GLY C 105 30.13 15.68 0.76
C GLY C 105 31.19 15.96 1.81
N ALA C 106 31.06 17.08 2.52
CA ALA C 106 32.03 17.46 3.53
C ALA C 106 31.83 16.71 4.86
N GLY C 107 30.79 15.89 4.91
CA GLY C 107 30.55 15.12 6.12
C GLY C 107 29.69 15.78 7.17
N LYS C 108 29.05 16.89 6.82
CA LYS C 108 28.17 17.58 7.75
C LYS C 108 26.73 17.11 7.50
N VAL C 109 25.90 17.15 8.53
CA VAL C 109 24.51 16.73 8.39
C VAL C 109 23.76 17.86 7.70
N VAL C 110 23.19 17.58 6.53
CA VAL C 110 22.45 18.61 5.80
C VAL C 110 20.95 18.42 5.99
N SER C 111 20.56 17.23 6.44
CA SER C 111 19.16 16.93 6.69
C SER C 111 19.02 16.04 7.91
N MET C 112 18.18 16.47 8.83
CA MET C 112 17.89 15.72 10.05
C MET C 112 16.38 15.60 10.10
N ARG C 113 15.84 14.40 9.90
CA ARG C 113 14.40 14.22 9.93
C ARG C 113 14.05 13.17 10.99
N ALA C 114 13.30 13.59 11.99
CA ALA C 114 12.93 12.70 13.10
C ALA C 114 11.52 12.16 12.97
N LEU C 115 11.41 10.84 12.91
CA LEU C 115 10.11 10.20 12.81
C LEU C 115 9.64 9.62 14.13
N PHE C 116 8.53 10.14 14.62
CA PHE C 116 7.90 9.65 15.84
C PHE C 116 6.51 10.25 15.90
N GLY C 117 5.56 9.46 16.38
CA GLY C 117 4.19 9.92 16.50
C GLY C 117 3.71 9.76 17.92
N GLU C 118 2.45 10.08 18.17
CA GLU C 118 1.90 9.96 19.51
C GLU C 118 2.11 8.58 20.10
N LYS C 119 2.06 7.55 19.26
CA LYS C 119 2.24 6.18 19.72
C LYS C 119 3.69 5.85 20.11
N ASN C 120 4.61 6.77 19.82
CA ASN C 120 6.02 6.56 20.16
C ASN C 120 6.38 7.41 21.36
N ILE C 121 5.38 8.07 21.94
CA ILE C 121 5.55 8.90 23.12
C ILE C 121 4.89 8.16 24.28
N HIS C 122 5.70 7.66 25.20
CA HIS C 122 5.16 6.91 26.33
C HIS C 122 5.36 7.65 27.65
N ALA C 123 4.27 8.22 28.16
CA ALA C 123 4.31 8.97 29.41
C ALA C 123 4.30 8.04 30.62
N GLY C 124 5.47 7.51 30.96
CA GLY C 124 5.56 6.63 32.12
C GLY C 124 6.31 5.33 31.84
N ALA C 125 6.36 4.94 30.56
CA ALA C 125 7.04 3.71 30.18
C ALA C 125 8.23 3.98 29.26
N MET D 1 -3.46 12.99 4.52
CA MET D 1 -4.45 12.22 5.33
C MET D 1 -4.16 10.72 5.32
N ASN D 2 -3.07 10.35 5.97
CA ASN D 2 -2.64 8.97 6.11
C ASN D 2 -2.63 8.77 7.63
N THR D 3 -3.54 7.96 8.15
CA THR D 3 -3.54 7.74 9.60
C THR D 3 -2.28 6.94 9.96
N PRO D 4 -1.76 7.16 11.17
CA PRO D 4 -0.57 6.41 11.58
C PRO D 4 -0.92 4.93 11.60
N GLU D 5 -2.17 4.62 11.95
CA GLU D 5 -2.62 3.24 12.01
C GLU D 5 -2.59 2.59 10.64
N HIS D 6 -2.95 3.34 9.60
CA HIS D 6 -2.92 2.77 8.28
C HIS D 6 -1.49 2.45 7.86
N MET D 7 -0.59 3.41 8.05
CA MET D 7 0.80 3.18 7.67
C MET D 7 1.41 2.03 8.46
N THR D 8 1.06 1.92 9.73
CA THR D 8 1.57 0.87 10.59
C THR D 8 0.99 -0.48 10.12
N ALA D 9 -0.28 -0.49 9.76
CA ALA D 9 -0.91 -1.72 9.29
C ALA D 9 -0.18 -2.18 8.02
N VAL D 10 0.12 -1.24 7.13
CA VAL D 10 0.80 -1.56 5.88
C VAL D 10 2.19 -2.13 6.16
N VAL D 11 2.90 -1.57 7.13
CA VAL D 11 4.23 -2.08 7.45
C VAL D 11 4.10 -3.54 7.92
N GLN D 12 3.14 -3.81 8.80
CA GLN D 12 2.97 -5.17 9.30
C GLN D 12 2.61 -6.13 8.17
N ARG D 13 1.76 -5.69 7.24
CA ARG D 13 1.36 -6.55 6.13
C ARG D 13 2.53 -6.79 5.19
N TYR D 14 3.36 -5.77 5.02
CA TYR D 14 4.54 -5.87 4.16
C TYR D 14 5.47 -6.95 4.71
N VAL D 15 5.72 -6.89 6.02
CA VAL D 15 6.58 -7.85 6.69
C VAL D 15 5.95 -9.24 6.59
N ALA D 16 4.65 -9.32 6.78
CA ALA D 16 3.95 -10.59 6.70
C ALA D 16 4.03 -11.16 5.29
N ALA D 17 3.86 -10.29 4.30
CA ALA D 17 3.94 -10.70 2.90
C ALA D 17 5.31 -11.27 2.56
N LEU D 18 6.36 -10.64 3.08
CA LEU D 18 7.71 -11.11 2.82
C LEU D 18 7.88 -12.51 3.40
N ASN D 19 7.40 -12.71 4.63
CA ASN D 19 7.49 -14.01 5.28
C ASN D 19 6.76 -15.09 4.51
N ALA D 20 5.62 -14.73 3.93
CA ALA D 20 4.80 -15.67 3.16
C ALA D 20 5.20 -15.79 1.71
N GLY D 21 6.16 -14.97 1.28
CA GLY D 21 6.59 -15.02 -0.11
C GLY D 21 5.46 -14.64 -1.04
N ASP D 22 4.59 -13.74 -0.59
CA ASP D 22 3.45 -13.29 -1.37
C ASP D 22 3.81 -12.08 -2.23
N LEU D 23 4.36 -12.35 -3.42
CA LEU D 23 4.77 -11.31 -4.35
C LEU D 23 3.65 -10.34 -4.71
N ASP D 24 2.53 -10.88 -5.16
CA ASP D 24 1.40 -10.05 -5.55
C ASP D 24 0.92 -9.16 -4.41
N GLY D 25 0.95 -9.71 -3.20
CA GLY D 25 0.51 -8.95 -2.03
C GLY D 25 1.41 -7.75 -1.76
N ILE D 26 2.72 -7.96 -1.90
CA ILE D 26 3.70 -6.89 -1.67
C ILE D 26 3.50 -5.78 -2.70
N VAL D 27 3.49 -6.15 -3.98
CA VAL D 27 3.33 -5.19 -5.05
C VAL D 27 2.06 -4.35 -4.93
N ALA D 28 0.97 -4.97 -4.49
CA ALA D 28 -0.29 -4.27 -4.35
C ALA D 28 -0.23 -3.09 -3.39
N LEU D 29 0.76 -3.09 -2.50
CA LEU D 29 0.90 -2.02 -1.52
C LEU D 29 1.57 -0.78 -2.12
N PHE D 30 2.15 -0.93 -3.30
CA PHE D 30 2.86 0.17 -3.98
C PHE D 30 2.05 0.93 -5.01
N ALA D 31 2.42 2.19 -5.19
CA ALA D 31 1.78 3.04 -6.18
C ALA D 31 2.44 2.71 -7.52
N ASP D 32 1.79 3.06 -8.62
CA ASP D 32 2.33 2.77 -9.96
C ASP D 32 3.62 3.53 -10.29
N ASP D 33 3.85 4.65 -9.64
CA ASP D 33 5.04 5.46 -9.89
C ASP D 33 5.99 5.41 -8.70
N ALA D 34 5.94 4.32 -7.95
CA ALA D 34 6.78 4.14 -6.77
C ALA D 34 8.23 3.82 -7.11
N THR D 35 9.09 4.01 -6.11
CA THR D 35 10.52 3.75 -6.24
C THR D 35 11.02 2.92 -5.08
N VAL D 36 11.86 1.94 -5.40
CA VAL D 36 12.49 1.07 -4.40
C VAL D 36 14.00 1.30 -4.49
N GLU D 37 14.63 1.57 -3.35
CA GLU D 37 16.08 1.77 -3.31
C GLU D 37 16.58 0.82 -2.24
N ASN D 38 17.10 -0.33 -2.67
CA ASN D 38 17.59 -1.35 -1.77
C ASN D 38 18.95 -1.89 -2.19
N PRO D 39 20.01 -1.53 -1.46
CA PRO D 39 19.99 -0.65 -0.29
C PRO D 39 20.10 0.79 -0.74
N VAL D 40 20.00 1.72 0.21
CA VAL D 40 20.15 3.12 -0.12
C VAL D 40 21.53 3.24 -0.76
N GLY D 41 21.63 4.00 -1.85
CA GLY D 41 22.90 4.16 -2.52
C GLY D 41 22.99 3.35 -3.81
N SER D 42 22.10 2.39 -3.97
CA SER D 42 22.08 1.57 -5.18
C SER D 42 21.13 2.21 -6.18
N GLU D 43 21.12 1.66 -7.39
CA GLU D 43 20.26 2.17 -8.45
C GLU D 43 18.78 2.05 -8.10
N PRO D 44 18.05 3.17 -8.15
CA PRO D 44 16.62 3.14 -7.83
C PRO D 44 15.86 2.26 -8.83
N ARG D 45 14.91 1.49 -8.31
CA ARG D 45 14.07 0.63 -9.14
C ARG D 45 12.70 1.26 -9.07
N SER D 46 12.24 1.84 -10.19
CA SER D 46 10.96 2.52 -10.19
C SER D 46 9.98 1.99 -11.22
N GLY D 47 8.69 2.10 -10.91
CA GLY D 47 7.68 1.61 -11.81
C GLY D 47 7.29 0.21 -11.39
N THR D 48 6.05 -0.19 -11.67
CA THR D 48 5.56 -1.50 -11.28
C THR D 48 6.43 -2.67 -11.77
N ALA D 49 6.81 -2.64 -13.04
CA ALA D 49 7.63 -3.71 -13.61
C ALA D 49 8.92 -3.92 -12.84
N ALA D 50 9.64 -2.83 -12.59
CA ALA D 50 10.92 -2.89 -11.87
C ALA D 50 10.74 -3.35 -10.43
N ILE D 51 9.68 -2.88 -9.78
CA ILE D 51 9.42 -3.26 -8.41
C ILE D 51 9.08 -4.73 -8.31
N ARG D 52 8.29 -5.21 -9.28
CA ARG D 52 7.90 -6.62 -9.31
C ARG D 52 9.15 -7.49 -9.45
N GLU D 53 10.03 -7.09 -10.38
CA GLU D 53 11.27 -7.80 -10.63
C GLU D 53 12.09 -7.87 -9.35
N PHE D 54 12.21 -6.73 -8.67
CA PHE D 54 12.99 -6.66 -7.44
C PHE D 54 12.51 -7.64 -6.38
N TYR D 55 11.22 -7.60 -6.05
CA TYR D 55 10.71 -8.51 -5.04
C TYR D 55 10.68 -9.97 -5.48
N ALA D 56 10.53 -10.19 -6.77
CA ALA D 56 10.52 -11.56 -7.30
C ALA D 56 11.89 -12.17 -7.07
N ASN D 57 12.93 -11.42 -7.40
CA ASN D 57 14.31 -11.90 -7.24
C ASN D 57 14.67 -12.01 -5.76
N SER D 58 14.13 -11.10 -4.95
CA SER D 58 14.40 -11.09 -3.52
C SER D 58 13.77 -12.28 -2.81
N LEU D 59 12.67 -12.78 -3.36
CA LEU D 59 11.97 -13.91 -2.76
C LEU D 59 12.48 -15.26 -3.24
N LYS D 60 13.59 -15.25 -3.97
CA LYS D 60 14.18 -16.49 -4.46
C LYS D 60 14.50 -17.37 -3.27
N LEU D 61 15.03 -16.75 -2.22
CA LEU D 61 15.39 -17.46 -1.00
C LEU D 61 14.37 -17.17 0.09
N PRO D 62 14.04 -18.18 0.91
CA PRO D 62 13.07 -18.02 2.00
C PRO D 62 13.55 -16.95 2.97
N LEU D 63 12.72 -15.94 3.20
CA LEU D 63 13.08 -14.86 4.10
C LEU D 63 12.28 -14.88 5.40
N ALA D 64 12.98 -14.73 6.52
CA ALA D 64 12.36 -14.67 7.83
C ALA D 64 12.50 -13.21 8.24
N VAL D 65 11.40 -12.47 8.16
CA VAL D 65 11.41 -11.05 8.51
C VAL D 65 10.66 -10.76 9.78
N GLU D 66 11.27 -9.98 10.68
CA GLU D 66 10.63 -9.64 11.94
C GLU D 66 10.90 -8.20 12.38
N LEU D 67 9.86 -7.51 12.84
CA LEU D 67 10.03 -6.16 13.34
C LEU D 67 10.73 -6.32 14.67
N THR D 68 11.65 -5.42 14.99
CA THR D 68 12.39 -5.51 16.24
C THR D 68 12.05 -4.40 17.22
N GLN D 69 11.23 -3.45 16.76
CA GLN D 69 10.79 -2.33 17.59
C GLN D 69 9.47 -1.81 17.02
N GLU D 70 8.85 -0.92 17.77
CA GLU D 70 7.60 -0.31 17.37
C GLU D 70 7.83 0.47 16.09
N VAL D 71 6.78 0.57 15.27
CA VAL D 71 6.84 1.32 14.02
C VAL D 71 6.68 2.80 14.34
N ARG D 72 7.41 3.65 13.63
CA ARG D 72 7.30 5.08 13.82
C ARG D 72 6.53 5.58 12.61
N ALA D 73 5.36 6.16 12.85
CA ALA D 73 4.53 6.66 11.78
C ALA D 73 3.99 8.05 12.08
N VAL D 74 4.20 8.96 11.14
CA VAL D 74 3.72 10.33 11.29
C VAL D 74 3.68 11.00 9.93
N ALA D 75 2.77 11.95 9.76
CA ALA D 75 2.60 12.64 8.48
C ALA D 75 2.28 11.57 7.43
N ASN D 76 3.05 11.52 6.36
CA ASN D 76 2.79 10.52 5.33
C ASN D 76 3.98 9.58 5.23
N GLU D 77 4.65 9.37 6.35
CA GLU D 77 5.83 8.52 6.39
C GLU D 77 5.88 7.56 7.56
N ALA D 78 6.64 6.49 7.38
CA ALA D 78 6.82 5.50 8.43
C ALA D 78 8.23 4.95 8.32
N ALA D 79 8.82 4.64 9.47
CA ALA D 79 10.16 4.07 9.51
C ALA D 79 10.10 2.92 10.51
N PHE D 80 10.85 1.87 10.23
CA PHE D 80 10.87 0.73 11.13
C PHE D 80 12.18 -0.04 11.09
N ALA D 81 12.51 -0.60 12.25
CA ALA D 81 13.71 -1.41 12.44
C ALA D 81 13.26 -2.86 12.38
N PHE D 82 14.06 -3.70 11.71
CA PHE D 82 13.71 -5.10 11.57
C PHE D 82 14.91 -5.92 11.15
N ILE D 83 14.70 -7.23 11.03
CA ILE D 83 15.75 -8.12 10.60
C ILE D 83 15.20 -9.02 9.50
N VAL D 84 16.09 -9.40 8.60
CA VAL D 84 15.75 -10.27 7.50
C VAL D 84 16.80 -11.38 7.62
N SER D 85 16.35 -12.60 7.85
CA SER D 85 17.24 -13.74 8.01
C SER D 85 17.04 -14.75 6.91
N PHE D 86 18.14 -15.31 6.43
CA PHE D 86 18.08 -16.31 5.39
C PHE D 86 19.32 -17.19 5.44
N GLU D 87 19.30 -18.24 4.65
CA GLU D 87 20.43 -19.17 4.61
C GLU D 87 20.86 -19.36 3.17
N TYR D 88 22.17 -19.40 2.96
CA TYR D 88 22.73 -19.57 1.62
C TYR D 88 24.02 -20.38 1.73
N GLN D 89 24.00 -21.60 1.20
CA GLN D 89 25.16 -22.49 1.24
C GLN D 89 25.54 -22.88 2.66
N GLY D 90 24.53 -23.15 3.49
CA GLY D 90 24.78 -23.54 4.86
C GLY D 90 25.22 -22.40 5.76
N ARG D 91 25.31 -21.21 5.18
CA ARG D 91 25.72 -20.02 5.92
C ARG D 91 24.51 -19.15 6.24
N LYS D 92 24.27 -18.90 7.52
CA LYS D 92 23.13 -18.09 7.94
C LYS D 92 23.49 -16.62 8.06
N THR D 93 22.60 -15.75 7.60
CA THR D 93 22.81 -14.32 7.66
C THR D 93 21.63 -13.59 8.28
N VAL D 94 21.93 -12.51 8.99
CA VAL D 94 20.90 -11.68 9.62
C VAL D 94 21.19 -10.24 9.22
N VAL D 95 20.35 -9.69 8.36
CA VAL D 95 20.50 -8.31 7.93
C VAL D 95 19.57 -7.46 8.81
N ALA D 96 20.09 -6.36 9.34
CA ALA D 96 19.30 -5.49 10.20
C ALA D 96 19.19 -4.09 9.60
N PRO D 97 18.18 -3.85 8.76
CA PRO D 97 18.04 -2.52 8.17
C PRO D 97 17.00 -1.70 8.90
N ILE D 98 16.86 -0.46 8.44
CA ILE D 98 15.82 0.44 8.92
C ILE D 98 15.22 0.86 7.59
N ASP D 99 13.93 0.63 7.44
CA ASP D 99 13.23 1.01 6.22
C ASP D 99 12.51 2.32 6.44
N HIS D 100 12.44 3.13 5.38
CA HIS D 100 11.75 4.41 5.42
C HIS D 100 10.75 4.39 4.28
N PHE D 101 9.45 4.46 4.62
CA PHE D 101 8.37 4.44 3.63
C PHE D 101 7.75 5.83 3.49
N ARG D 102 7.34 6.18 2.27
CA ARG D 102 6.62 7.42 2.03
C ARG D 102 5.31 6.97 1.37
N PHE D 103 4.20 7.52 1.83
CA PHE D 103 2.87 7.17 1.30
C PHE D 103 2.22 8.33 0.56
N ASN D 104 1.32 8.01 -0.38
CA ASN D 104 0.60 9.05 -1.09
C ASN D 104 -0.79 9.16 -0.47
N GLY D 105 -1.66 9.97 -1.06
CA GLY D 105 -3.00 10.16 -0.53
C GLY D 105 -3.89 8.93 -0.54
N ALA D 106 -3.61 8.00 -1.44
CA ALA D 106 -4.39 6.77 -1.55
C ALA D 106 -3.90 5.72 -0.57
N GLY D 107 -2.94 6.08 0.27
CA GLY D 107 -2.42 5.12 1.24
C GLY D 107 -1.46 4.11 0.65
N LYS D 108 -0.98 4.37 -0.56
CA LYS D 108 -0.04 3.48 -1.23
C LYS D 108 1.38 3.98 -1.04
N VAL D 109 2.33 3.05 -1.02
CA VAL D 109 3.73 3.40 -0.84
C VAL D 109 4.33 3.93 -2.14
N VAL D 110 4.95 5.11 -2.08
CA VAL D 110 5.56 5.69 -3.28
C VAL D 110 7.09 5.63 -3.20
N SER D 111 7.60 5.38 -2.00
CA SER D 111 9.04 5.27 -1.80
C SER D 111 9.35 4.28 -0.69
N MET D 112 10.21 3.32 -1.01
CA MET D 112 10.65 2.30 -0.07
C MET D 112 12.17 2.32 -0.12
N ARG D 113 12.79 2.86 0.91
CA ARG D 113 14.25 2.94 0.96
C ARG D 113 14.76 2.16 2.18
N ALA D 114 15.59 1.16 1.88
CA ALA D 114 16.15 0.30 2.91
C ALA D 114 17.56 0.74 3.24
N LEU D 115 17.75 1.24 4.46
CA LEU D 115 19.07 1.69 4.88
C LEU D 115 19.79 0.62 5.69
N PHE D 116 20.83 0.06 5.09
CA PHE D 116 21.67 -0.93 5.75
C PHE D 116 23.02 -0.96 5.05
N GLY D 117 24.07 -1.04 5.84
CA GLY D 117 25.42 -1.08 5.29
C GLY D 117 26.05 -2.43 5.59
N GLU D 118 27.29 -2.62 5.20
CA GLU D 118 27.97 -3.89 5.45
C GLU D 118 27.95 -4.23 6.94
N LYS D 119 28.06 -3.22 7.79
CA LYS D 119 28.06 -3.44 9.24
C LYS D 119 26.70 -3.93 9.75
N ASN D 120 25.68 -3.84 8.91
CA ASN D 120 24.34 -4.28 9.29
C ASN D 120 24.00 -5.65 8.71
N ILE D 121 24.99 -6.27 8.08
CA ILE D 121 24.84 -7.60 7.50
C ILE D 121 25.67 -8.50 8.39
N HIS D 122 25.01 -9.29 9.23
CA HIS D 122 25.67 -10.16 10.19
C HIS D 122 25.61 -11.64 9.90
N ALA D 123 26.64 -12.36 10.37
CA ALA D 123 26.69 -13.81 10.20
C ALA D 123 25.81 -14.38 11.30
N GLY D 124 24.96 -15.34 10.94
CA GLY D 124 24.08 -15.96 11.91
C GLY D 124 24.73 -17.12 12.64
N ALA D 125 25.39 -17.99 11.89
CA ALA D 125 26.07 -19.15 12.46
C ALA D 125 25.12 -20.04 13.28
C1 ESR E . -11.01 -8.18 -21.05
C2 ESR E . -11.16 -9.34 -20.07
C3 ESR E . -11.55 -10.69 -20.62
C4 ESR E . -10.67 -11.05 -21.97
C5 ESR E . -10.91 -9.92 -23.12
C6 ESR E . -10.48 -8.52 -22.54
C10 ESR E . -11.35 -11.73 -19.50
C11 ESR E . -11.70 -13.18 -19.98
C12 ESR E . -10.82 -13.60 -21.26
C13 ESR E . -11.11 -12.51 -22.52
C16 ESR E . -11.19 -15.06 -21.73
C17 ESR E . -10.38 -15.53 -22.99
C19 ESR E . -10.22 -12.95 -23.88
C24 ESR E . -10.97 -16.26 -20.73
C25 ESR E . -11.35 -17.42 -21.70
C26 ESR E . -10.92 -16.92 -23.17
C27 ESR E . -8.72 -15.69 -22.95
O1 ESR E . -11.28 -7.14 -20.69
C18 ESR E . -10.82 -14.41 -24.21
O26 ESR E . -11.04 -17.52 -24.15
C1 ESR F . -23.20 0.57 1.77
C2 ESR F . -23.37 1.58 2.92
C3 ESR F . -23.27 3.08 2.64
C4 ESR F . -23.99 3.48 1.21
C5 ESR F . -23.27 2.66 -0.01
C6 ESR F . -23.40 1.11 0.24
C10 ESR F . -23.92 3.82 3.84
C11 ESR F . -23.88 5.38 3.65
C12 ESR F . -24.61 5.84 2.28
C13 ESR F . -23.85 5.08 0.97
C16 ESR F . -24.54 7.42 2.10
C17 ESR F . -25.22 7.94 0.77
C19 ESR F . -24.59 5.57 -0.47
C24 ESR F . -25.21 8.35 3.20
C25 ESR F . -24.95 9.72 2.49
C26 ESR F . -24.99 9.42 0.91
C27 ESR F . -26.84 7.75 0.49
O1 ESR F . -22.92 -0.50 2.04
C18 ESR F . -24.31 7.16 -0.47
O26 ESR F . -24.84 10.20 0.06
C1 ESR G . 16.09 14.45 18.27
C2 ESR G . 14.71 13.81 18.57
C3 ESR G . 13.99 14.14 19.86
C4 ESR G . 14.14 15.73 20.26
C5 ESR G . 15.72 16.11 20.43
C6 ESR G . 16.47 15.82 19.07
C10 ESR G . 12.50 13.74 19.67
C11 ESR G . 11.63 14.04 20.96
C12 ESR G . 11.72 15.60 21.37
C13 ESR G . 13.33 16.01 21.65
C16 ESR G . 10.85 15.88 22.68
C17 ESR G . 10.90 17.38 23.16
C19 ESR G . 13.42 17.64 22.10
C24 ESR G . 9.29 15.59 22.65
C25 ESR G . 8.96 16.13 24.08
C26 ESR G . 10.01 17.31 24.37
C27 ESR G . 10.29 18.61 22.23
O1 ESR G . 16.77 13.94 17.51
C18 ESR G . 12.57 17.66 23.48
O26 ESR G . 10.07 17.94 25.34
C1 ESR H . 13.20 -4.77 2.44
C2 ESR H . 14.64 -4.78 2.99
C3 ESR H . 15.49 -6.04 2.81
C4 ESR H . 15.27 -6.71 1.31
C5 ESR H . 13.71 -7.10 1.11
C6 ESR H . 12.82 -5.80 1.24
C10 ESR H . 16.97 -5.63 3.04
C11 ESR H . 17.95 -6.86 2.87
C12 ESR H . 17.80 -7.53 1.40
C13 ESR H . 16.21 -8.03 1.18
C16 ESR H . 18.78 -8.77 1.26
C17 ESR H . 18.69 -9.49 -0.14
C19 ESR H . 16.04 -8.75 -0.34
C24 ESR H . 20.35 -8.53 1.40
C25 ESR H . 20.80 -9.99 1.06
C26 ESR H . 19.70 -10.57 0.04
C27 ESR H . 19.10 -8.71 -1.55
O1 ESR H . 12.47 -4.03 2.90
C18 ESR H . 17.05 -10.02 -0.22
O26 ESR H . 19.72 -11.64 -0.44
#